data_8IXT
#
_entry.id   8IXT
#
_cell.length_a   51.100
_cell.length_b   55.060
_cell.length_c   143.670
_cell.angle_alpha   90.000
_cell.angle_beta   90.000
_cell.angle_gamma   90.000
#
_symmetry.space_group_name_H-M   'P 21 21 21'
#
loop_
_entity.id
_entity.type
_entity.pdbx_description
1 polymer Transcobalamin-2
2 non-polymer COBALAMIN
3 non-polymer GLUTATHIONE
4 non-polymer 'CHLORIDE ION'
5 water water
#
_entity_poly.entity_id   1
_entity_poly.type   'polypeptide(L)'
_entity_poly.pdbx_seq_one_letter_code
;GSSHHHHHHSSGDDDDKGEFCVIPKMDGQLVEKLGQRLLPWMDRLSSEQLNPSIYVGLRLSSMQAGTKENLYLHNLKLHY
QQCLLRSTSSDDNSGCQTKISGGSLALYLLALRANCELLGSRKGDRMVSQLKWFLEDEKKAIGHHHEGHPHTSYYQYGLS
ILALCVHRKRVHDSVVGKLLYAVEHDYFTYQGHLSVDTEAMAGLAFTCLERFNFNSDLRPRITTAIETVREKILKAQAPE
GYFGNIYSTPLALQMLMTSPGVGLGPACLKARKSLLLSLQDGAFQNPMMISQLLPVLNHKTYLNLISPDCQAPRVMLVPA
TEDPVHLSEVSVTLKVSSVLPPYERTVSVFAGASLEDVLNRARDLGEFTYGTQASLSGPYLTSVLGKEAGDREYWQLLRV
PDTPLLQGIADYKPKNGETIELRLVKM
;
_entity_poly.pdbx_strand_id   A
#
# COMPACT_ATOMS: atom_id res chain seq x y z
N ASP A 15 24.34 -10.94 -15.42
CA ASP A 15 23.41 -11.86 -14.79
C ASP A 15 22.92 -12.89 -15.82
N ASP A 16 23.87 -13.58 -16.48
CA ASP A 16 23.53 -14.54 -17.51
C ASP A 16 22.60 -15.64 -16.99
N LYS A 17 22.57 -15.85 -15.67
CA LYS A 17 21.80 -16.93 -15.09
C LYS A 17 20.36 -16.54 -14.77
N GLY A 18 20.02 -15.26 -14.81
CA GLY A 18 18.64 -14.88 -14.59
C GLY A 18 18.19 -15.01 -13.15
N GLU A 19 19.07 -14.64 -12.22
CA GLU A 19 18.79 -14.76 -10.80
C GLU A 19 18.34 -13.45 -10.17
N PHE A 20 18.51 -12.33 -10.84
CA PHE A 20 18.16 -11.03 -10.27
C PHE A 20 16.81 -10.55 -10.79
N CYS A 21 15.97 -10.08 -9.88
CA CYS A 21 14.70 -9.49 -10.24
C CYS A 21 14.94 -8.08 -10.77
N VAL A 22 14.79 -7.90 -12.09
CA VAL A 22 14.94 -6.58 -12.69
C VAL A 22 13.76 -6.28 -13.60
N ILE A 23 13.54 -4.98 -13.81
CA ILE A 23 12.45 -4.44 -14.62
C ILE A 23 13.09 -3.55 -15.67
N PRO A 24 13.66 -4.11 -16.70
CA PRO A 24 14.37 -3.31 -17.71
C PRO A 24 13.40 -2.71 -18.72
N LYS A 25 13.90 -1.71 -19.45
CA LYS A 25 13.26 -1.26 -20.69
C LYS A 25 11.82 -0.82 -20.47
N MET A 26 11.57 -0.09 -19.39
CA MET A 26 10.26 0.49 -19.20
C MET A 26 10.12 1.73 -20.07
N ASP A 27 8.91 1.95 -20.56
CA ASP A 27 8.67 3.12 -21.39
C ASP A 27 8.94 4.38 -20.59
N GLY A 28 9.78 5.25 -21.13
CA GLY A 28 10.18 6.42 -20.37
C GLY A 28 9.03 7.35 -20.07
N GLN A 29 8.14 7.54 -21.03
N GLN A 29 8.15 7.57 -21.05
CA GLN A 29 7.07 8.49 -20.81
CA GLN A 29 7.05 8.50 -20.83
C GLN A 29 5.97 7.94 -19.92
C GLN A 29 6.01 7.93 -19.87
N LEU A 30 5.73 6.62 -19.95
CA LEU A 30 4.76 6.06 -19.01
C LEU A 30 5.25 6.23 -17.59
N VAL A 31 6.55 6.06 -17.35
CA VAL A 31 7.10 6.21 -16.02
C VAL A 31 7.12 7.68 -15.59
N GLU A 32 7.45 8.59 -16.51
CA GLU A 32 7.39 10.00 -16.20
C GLU A 32 5.99 10.41 -15.79
N LYS A 33 4.99 10.01 -16.58
CA LYS A 33 3.61 10.39 -16.28
C LYS A 33 3.17 9.84 -14.94
N LEU A 34 3.64 8.64 -14.60
CA LEU A 34 3.37 8.07 -13.29
C LEU A 34 3.89 8.98 -12.19
N GLY A 35 5.13 9.45 -12.32
CA GLY A 35 5.65 10.40 -11.36
C GLY A 35 4.92 11.72 -11.35
N GLN A 36 4.53 12.22 -12.52
CA GLN A 36 3.82 13.48 -12.58
C GLN A 36 2.47 13.41 -11.85
N ARG A 37 1.89 12.21 -11.70
CA ARG A 37 0.65 12.07 -10.94
C ARG A 37 0.89 12.32 -9.45
N LEU A 38 2.10 12.09 -8.94
CA LEU A 38 2.36 12.40 -7.55
C LEU A 38 2.63 13.87 -7.32
N LEU A 39 3.20 14.54 -8.32
CA LEU A 39 3.70 15.89 -8.12
C LEU A 39 2.65 16.82 -7.52
N PRO A 40 1.38 16.85 -7.98
CA PRO A 40 0.43 17.80 -7.38
C PRO A 40 0.19 17.56 -5.90
N TRP A 41 0.30 16.30 -5.46
CA TRP A 41 0.08 15.96 -4.07
C TRP A 41 1.17 16.53 -3.16
N MET A 42 2.33 16.90 -3.72
CA MET A 42 3.35 17.52 -2.91
C MET A 42 2.92 18.85 -2.33
N ASP A 43 1.87 19.48 -2.87
CA ASP A 43 1.37 20.75 -2.35
C ASP A 43 0.24 20.58 -1.35
N ARG A 44 -0.24 19.36 -1.13
CA ARG A 44 -1.31 19.09 -0.17
C ARG A 44 -0.62 18.73 1.15
N LEU A 45 -0.32 19.77 1.92
CA LEU A 45 0.58 19.67 3.07
C LEU A 45 -0.16 19.63 4.40
N SER A 46 -1.48 19.68 4.42
CA SER A 46 -2.17 19.69 5.69
C SER A 46 -1.96 18.37 6.44
N SER A 47 -2.12 18.44 7.76
CA SER A 47 -2.04 17.24 8.58
C SER A 47 -3.02 16.18 8.10
N GLU A 48 -4.14 16.61 7.53
CA GLU A 48 -5.18 15.72 7.08
C GLU A 48 -4.85 15.03 5.77
N GLN A 49 -3.82 15.46 5.06
CA GLN A 49 -3.47 14.89 3.76
C GLN A 49 -2.05 14.39 3.64
N LEU A 50 -1.15 14.75 4.55
CA LEU A 50 0.23 14.30 4.46
C LEU A 50 0.31 12.78 4.44
N ASN A 51 1.19 12.25 3.60
CA ASN A 51 1.39 10.81 3.52
C ASN A 51 2.89 10.55 3.45
N PRO A 52 3.51 10.06 4.53
CA PRO A 52 4.96 9.82 4.47
C PRO A 52 5.38 8.84 3.39
N SER A 53 4.51 7.92 2.98
CA SER A 53 4.88 7.00 1.91
C SER A 53 5.17 7.71 0.59
N ILE A 54 4.52 8.84 0.33
CA ILE A 54 4.79 9.61 -0.88
C ILE A 54 6.24 10.08 -0.88
N TYR A 55 6.71 10.59 0.26
CA TYR A 55 8.08 11.06 0.39
C TYR A 55 9.07 9.91 0.17
N VAL A 56 8.84 8.78 0.84
CA VAL A 56 9.70 7.61 0.66
C VAL A 56 9.74 7.19 -0.81
N GLY A 57 8.56 7.08 -1.41
CA GLY A 57 8.49 6.59 -2.77
C GLY A 57 9.24 7.47 -3.75
N LEU A 58 9.11 8.79 -3.62
N LEU A 58 9.10 8.78 -3.60
CA LEU A 58 9.86 9.69 -4.48
CA LEU A 58 9.81 9.71 -4.46
C LEU A 58 11.35 9.54 -4.24
C LEU A 58 11.32 9.62 -4.24
N ARG A 59 11.78 9.56 -2.98
CA ARG A 59 13.20 9.50 -2.70
C ARG A 59 13.85 8.24 -3.26
N LEU A 60 13.13 7.12 -3.27
CA LEU A 60 13.66 5.86 -3.78
C LEU A 60 13.46 5.70 -5.28
N SER A 61 12.87 6.71 -5.94
CA SER A 61 12.54 6.64 -7.35
C SER A 61 13.63 7.27 -8.20
N SER A 62 13.43 7.21 -9.52
CA SER A 62 14.31 7.89 -10.46
C SER A 62 13.94 9.35 -10.67
N MET A 63 12.98 9.87 -9.92
CA MET A 63 12.44 11.19 -10.12
C MET A 63 12.42 11.97 -8.81
N GLN A 64 12.31 13.30 -8.93
CA GLN A 64 12.31 14.14 -7.73
C GLN A 64 11.42 15.35 -7.92
N ALA A 65 11.09 15.98 -6.79
CA ALA A 65 10.30 17.21 -6.80
C ALA A 65 11.05 18.38 -6.17
N GLY A 66 12.38 18.30 -6.08
CA GLY A 66 13.16 19.45 -5.67
C GLY A 66 12.81 19.94 -4.28
N THR A 67 12.71 21.27 -4.15
CA THR A 67 12.47 21.90 -2.85
C THR A 67 11.12 21.52 -2.28
N LYS A 68 10.18 21.06 -3.11
CA LYS A 68 8.90 20.62 -2.56
C LYS A 68 9.10 19.43 -1.63
N GLU A 69 10.13 18.63 -1.85
CA GLU A 69 10.37 17.49 -0.98
C GLU A 69 10.77 17.93 0.41
N ASN A 70 11.65 18.91 0.49
CA ASN A 70 12.12 19.39 1.78
C ASN A 70 10.97 19.95 2.58
N LEU A 71 10.09 20.71 1.93
CA LEU A 71 8.93 21.27 2.60
C LEU A 71 7.98 20.18 3.04
N TYR A 72 7.81 19.15 2.22
CA TYR A 72 6.97 18.02 2.59
C TYR A 72 7.51 17.35 3.84
N LEU A 73 8.83 17.10 3.89
CA LEU A 73 9.42 16.48 5.07
C LEU A 73 9.28 17.36 6.30
N HIS A 74 9.48 18.67 6.14
CA HIS A 74 9.31 19.58 7.27
C HIS A 74 7.91 19.45 7.85
N ASN A 75 6.91 19.41 6.99
CA ASN A 75 5.53 19.28 7.45
C ASN A 75 5.26 17.89 8.05
N LEU A 76 5.84 16.84 7.47
CA LEU A 76 5.72 15.52 8.08
C LEU A 76 6.25 15.54 9.51
N LYS A 77 7.43 16.14 9.70
CA LYS A 77 8.02 16.17 11.04
C LYS A 77 7.13 16.89 12.03
N LEU A 78 6.60 18.05 11.66
CA LEU A 78 5.73 18.76 12.57
C LEU A 78 4.49 17.94 12.90
N HIS A 79 3.93 17.23 11.92
CA HIS A 79 2.71 16.47 12.12
C HIS A 79 2.95 15.26 13.04
N TYR A 80 3.98 14.48 12.78
CA TYR A 80 4.22 13.29 13.62
C TYR A 80 4.74 13.66 15.00
N GLN A 81 5.46 14.79 15.13
CA GLN A 81 5.87 15.26 16.46
C GLN A 81 4.68 15.76 17.27
N GLN A 82 3.70 16.37 16.61
CA GLN A 82 2.54 16.90 17.32
C GLN A 82 1.62 15.78 17.79
N CYS A 83 1.57 14.67 17.06
CA CYS A 83 0.65 13.57 17.32
C CYS A 83 1.28 12.46 18.16
N LEU A 84 2.39 12.72 18.84
CA LEU A 84 2.94 11.73 19.76
C LEU A 84 2.06 11.65 21.00
N LEU A 85 1.72 10.43 21.41
CA LEU A 85 0.90 10.22 22.60
C LEU A 85 1.62 10.67 23.86
N GLY A 95 -1.64 19.11 19.98
CA GLY A 95 -2.59 19.76 19.11
C GLY A 95 -3.04 18.90 17.95
N CYS A 96 -2.79 17.60 18.08
CA CYS A 96 -3.11 16.63 17.04
C CYS A 96 -4.63 16.48 16.87
N GLN A 97 -5.05 16.09 15.67
CA GLN A 97 -6.48 15.98 15.38
C GLN A 97 -7.02 14.56 15.38
N THR A 98 -6.27 13.59 14.84
CA THR A 98 -6.72 12.20 14.78
C THR A 98 -5.56 11.29 15.18
N LYS A 99 -5.89 10.24 15.93
CA LYS A 99 -4.86 9.34 16.47
C LYS A 99 -4.10 8.66 15.33
N ILE A 100 -2.77 8.68 15.44
CA ILE A 100 -1.89 8.10 14.44
C ILE A 100 -1.71 6.62 14.74
N SER A 101 -1.94 5.78 13.73
CA SER A 101 -1.78 4.35 13.90
C SER A 101 -0.30 3.98 13.96
N GLY A 102 -0.03 2.77 14.45
CA GLY A 102 1.34 2.29 14.46
C GLY A 102 1.96 2.30 13.08
N GLY A 103 1.23 1.77 12.08
CA GLY A 103 1.74 1.72 10.74
C GLY A 103 1.99 3.08 10.12
N SER A 104 1.18 4.08 10.46
CA SER A 104 1.41 5.41 9.95
C SER A 104 2.71 5.98 10.50
N LEU A 105 2.91 5.83 11.82
CA LEU A 105 4.19 6.21 12.43
C LEU A 105 5.34 5.44 11.81
N ALA A 106 5.15 4.15 11.51
CA ALA A 106 6.18 3.37 10.85
C ALA A 106 6.58 3.97 9.51
N LEU A 107 5.58 4.39 8.72
CA LEU A 107 5.89 5.03 7.44
C LEU A 107 6.65 6.34 7.62
N TYR A 108 6.34 7.09 8.67
CA TYR A 108 7.13 8.27 9.00
C TYR A 108 8.59 7.90 9.30
N LEU A 109 8.81 6.83 10.08
CA LEU A 109 10.18 6.35 10.29
C LEU A 109 10.87 6.04 8.97
N LEU A 110 10.16 5.43 8.03
CA LEU A 110 10.76 5.18 6.72
C LEU A 110 11.13 6.48 6.01
N ALA A 111 10.26 7.49 6.11
CA ALA A 111 10.58 8.80 5.52
C ALA A 111 11.84 9.40 6.12
N LEU A 112 12.03 9.27 7.43
CA LEU A 112 13.26 9.78 8.03
C LEU A 112 14.48 9.08 7.45
N ARG A 113 14.43 7.76 7.30
CA ARG A 113 15.57 7.07 6.71
C ARG A 113 15.79 7.52 5.27
N ALA A 114 14.74 7.84 4.53
CA ALA A 114 14.89 8.29 3.15
C ALA A 114 15.64 9.61 3.08
N ASN A 115 15.73 10.36 4.19
CA ASN A 115 16.57 11.54 4.27
C ASN A 115 17.84 11.29 5.06
N CYS A 116 18.19 10.02 5.26
CA CYS A 116 19.42 9.65 5.98
C CYS A 116 19.42 10.09 7.43
N GLU A 117 18.24 10.18 8.05
CA GLU A 117 18.13 10.52 9.46
C GLU A 117 17.83 9.28 10.29
N LEU A 118 18.43 9.22 11.46
CA LEU A 118 18.35 8.07 12.36
C LEU A 118 17.76 8.51 13.68
N LEU A 119 16.77 7.77 14.17
CA LEU A 119 16.22 8.03 15.49
C LEU A 119 17.01 7.30 16.56
N GLY A 120 17.18 7.96 17.71
CA GLY A 120 17.78 7.35 18.87
C GLY A 120 19.18 6.80 18.65
N GLY A 124 16.74 7.95 24.44
CA GLY A 124 15.51 7.21 24.52
C GLY A 124 14.37 7.82 23.73
N ASP A 125 14.29 7.47 22.46
CA ASP A 125 13.41 8.20 21.56
C ASP A 125 11.95 7.83 21.82
N ARG A 126 11.09 8.86 21.87
CA ARG A 126 9.69 8.65 22.22
C ARG A 126 8.94 7.96 21.09
N MET A 127 9.30 8.27 19.84
CA MET A 127 8.62 7.61 18.73
C MET A 127 8.97 6.14 18.67
N VAL A 128 10.26 5.82 18.84
CA VAL A 128 10.66 4.43 18.87
C VAL A 128 9.85 3.69 19.92
N SER A 129 9.74 4.28 21.11
CA SER A 129 8.99 3.64 22.19
C SER A 129 7.51 3.49 21.84
N GLN A 130 6.90 4.53 21.26
CA GLN A 130 5.49 4.43 20.89
C GLN A 130 5.25 3.30 19.89
N LEU A 131 6.15 3.16 18.91
CA LEU A 131 5.97 2.08 17.94
C LEU A 131 6.18 0.72 18.57
N LYS A 132 7.14 0.59 19.48
CA LYS A 132 7.32 -0.66 20.20
C LYS A 132 6.09 -1.02 21.03
N TRP A 133 5.46 -0.01 21.66
CA TRP A 133 4.26 -0.29 22.46
C TRP A 133 3.05 -0.62 21.59
N PHE A 134 2.95 -0.05 20.40
CA PHE A 134 1.93 -0.49 19.44
C PHE A 134 2.07 -1.98 19.16
N LEU A 135 3.30 -2.43 18.89
CA LEU A 135 3.52 -3.85 18.64
C LEU A 135 3.17 -4.69 19.85
N GLU A 136 3.48 -4.20 21.05
CA GLU A 136 3.11 -4.93 22.26
C GLU A 136 1.59 -5.06 22.38
N ASP A 137 0.86 -3.98 22.08
CA ASP A 137 -0.59 -4.03 22.11
C ASP A 137 -1.11 -5.05 21.11
N GLU A 138 -0.54 -5.06 19.90
CA GLU A 138 -1.02 -6.00 18.89
C GLU A 138 -0.66 -7.43 19.26
N LYS A 139 0.52 -7.65 19.82
CA LYS A 139 0.89 -8.99 20.29
C LYS A 139 -0.10 -9.49 21.33
N LYS A 140 -0.50 -8.62 22.25
CA LYS A 140 -1.50 -8.98 23.24
C LYS A 140 -2.83 -9.32 22.58
N ALA A 141 -3.24 -8.55 21.57
CA ALA A 141 -4.49 -8.85 20.89
C ALA A 141 -4.45 -10.21 20.21
N ILE A 142 -3.30 -10.56 19.61
CA ILE A 142 -3.14 -11.86 18.97
C ILE A 142 -3.21 -12.98 20.01
N GLY A 143 -2.60 -12.77 21.17
CA GLY A 143 -2.69 -13.70 22.27
C GLY A 143 -1.64 -14.80 22.22
N HIS A 144 -1.58 -15.55 23.33
CA HIS A 144 -0.57 -16.59 23.49
C HIS A 144 -0.80 -17.78 22.58
N HIS A 145 -2.04 -18.01 22.13
CA HIS A 145 -2.35 -19.12 21.23
C HIS A 145 -2.60 -18.66 19.80
N HIS A 146 -2.15 -17.45 19.44
CA HIS A 146 -2.33 -16.91 18.09
C HIS A 146 -3.80 -16.98 17.65
N GLU A 147 -4.71 -17.05 18.62
CA GLU A 147 -6.14 -17.23 18.39
C GLU A 147 -6.88 -15.91 18.21
N GLY A 148 -6.29 -14.79 18.60
CA GLY A 148 -6.87 -13.49 18.38
C GLY A 148 -6.46 -12.91 17.04
N HIS A 149 -6.73 -11.62 16.88
CA HIS A 149 -6.35 -10.91 15.67
C HIS A 149 -5.81 -9.53 16.06
N PRO A 150 -4.89 -8.98 15.27
CA PRO A 150 -4.47 -7.60 15.51
C PRO A 150 -5.65 -6.63 15.44
N HIS A 151 -5.56 -5.54 16.20
CA HIS A 151 -6.56 -4.48 16.07
C HIS A 151 -6.45 -3.77 14.73
N THR A 152 -5.24 -3.68 14.16
CA THR A 152 -5.04 -3.15 12.82
C THR A 152 -4.93 -4.30 11.83
N SER A 153 -3.71 -4.76 11.55
CA SER A 153 -3.50 -5.85 10.61
C SER A 153 -2.09 -6.40 10.78
N TYR A 154 -1.89 -7.63 10.30
CA TYR A 154 -0.53 -8.14 10.19
C TYR A 154 0.31 -7.30 9.23
N TYR A 155 -0.31 -6.62 8.26
CA TYR A 155 0.43 -5.69 7.41
C TYR A 155 1.07 -4.60 8.25
N GLN A 156 0.29 -3.93 9.10
CA GLN A 156 0.89 -2.88 9.93
C GLN A 156 1.89 -3.45 10.94
N TYR A 157 1.64 -4.66 11.42
CA TYR A 157 2.56 -5.32 12.35
C TYR A 157 3.94 -5.51 11.70
N GLY A 158 3.96 -6.10 10.50
CA GLY A 158 5.23 -6.28 9.80
C GLY A 158 5.89 -4.97 9.41
N LEU A 159 5.09 -4.03 8.92
CA LEU A 159 5.62 -2.71 8.57
C LEU A 159 6.29 -2.05 9.77
N SER A 160 5.71 -2.18 10.96
CA SER A 160 6.28 -1.56 12.15
C SER A 160 7.57 -2.24 12.58
N ILE A 161 7.63 -3.57 12.52
CA ILE A 161 8.90 -4.26 12.79
C ILE A 161 9.97 -3.79 11.82
N LEU A 162 9.63 -3.68 10.53
CA LEU A 162 10.57 -3.23 9.52
C LEU A 162 11.07 -1.82 9.80
N ALA A 163 10.15 -0.91 10.11
CA ALA A 163 10.53 0.48 10.34
C ALA A 163 11.45 0.63 11.54
N LEU A 164 11.22 -0.13 12.61
CA LEU A 164 12.14 -0.13 13.73
C LEU A 164 13.49 -0.69 13.33
N CYS A 165 13.47 -1.80 12.59
CA CYS A 165 14.71 -2.45 12.16
C CYS A 165 15.59 -1.54 11.32
N VAL A 166 15.02 -0.78 10.38
CA VAL A 166 15.86 0.09 9.56
C VAL A 166 16.41 1.26 10.36
N HIS A 167 15.85 1.57 11.52
CA HIS A 167 16.46 2.48 12.48
C HIS A 167 17.34 1.76 13.50
N ARG A 168 17.67 0.50 13.26
CA ARG A 168 18.63 -0.24 14.09
C ARG A 168 18.06 -0.56 15.47
N LYS A 169 16.73 -0.68 15.55
CA LYS A 169 16.02 -0.94 16.79
C LYS A 169 15.40 -2.33 16.75
N ARG A 170 15.66 -3.11 17.78
CA ARG A 170 15.13 -4.46 17.89
C ARG A 170 13.86 -4.47 18.71
N VAL A 171 13.06 -5.50 18.51
CA VAL A 171 11.89 -5.74 19.32
C VAL A 171 12.03 -7.13 19.93
N HIS A 172 11.18 -7.41 20.91
CA HIS A 172 11.29 -8.67 21.63
C HIS A 172 10.95 -9.85 20.74
N ASP A 173 11.57 -10.98 21.01
CA ASP A 173 11.30 -12.19 20.23
C ASP A 173 9.82 -12.52 20.22
N SER A 174 9.12 -12.28 21.34
CA SER A 174 7.70 -12.63 21.42
C SER A 174 6.89 -11.85 20.39
N VAL A 175 7.31 -10.62 20.07
CA VAL A 175 6.64 -9.84 19.03
C VAL A 175 6.87 -10.46 17.67
N VAL A 176 8.14 -10.74 17.33
CA VAL A 176 8.48 -11.28 16.03
C VAL A 176 7.85 -12.65 15.83
N GLY A 177 7.80 -13.45 16.89
CA GLY A 177 7.25 -14.79 16.79
C GLY A 177 5.83 -14.83 16.27
N LYS A 178 5.02 -13.81 16.60
CA LYS A 178 3.64 -13.82 16.13
C LYS A 178 3.59 -13.74 14.61
N LEU A 179 4.47 -12.95 14.01
CA LEU A 179 4.46 -12.77 12.56
C LEU A 179 5.06 -13.98 11.86
N LEU A 180 6.12 -14.56 12.43
CA LEU A 180 6.63 -15.82 11.93
C LEU A 180 5.56 -16.90 11.93
N TYR A 181 4.84 -17.02 13.06
CA TYR A 181 3.82 -18.05 13.17
C TYR A 181 2.78 -17.91 12.06
N ALA A 182 2.36 -16.67 11.79
CA ALA A 182 1.35 -16.44 10.76
C ALA A 182 1.83 -16.89 9.39
N VAL A 183 3.08 -16.57 9.06
CA VAL A 183 3.63 -17.01 7.77
C VAL A 183 3.77 -18.52 7.74
N GLU A 184 4.24 -19.11 8.85
CA GLU A 184 4.46 -20.55 8.89
C GLU A 184 3.17 -21.34 8.79
N HIS A 185 2.06 -20.76 9.23
CA HIS A 185 0.76 -21.42 9.19
C HIS A 185 -0.12 -20.88 8.08
N ASP A 186 0.48 -20.17 7.12
CA ASP A 186 -0.19 -19.73 5.91
C ASP A 186 -1.45 -18.93 6.24
N TYR A 187 -1.32 -18.02 7.21
CA TYR A 187 -2.47 -17.22 7.63
C TYR A 187 -3.00 -16.31 6.52
N PHE A 188 -2.16 -15.94 5.55
CA PHE A 188 -2.52 -14.98 4.52
C PHE A 188 -2.96 -15.64 3.22
N THR A 189 -3.20 -16.96 3.24
CA THR A 189 -3.85 -17.65 2.13
C THR A 189 -5.28 -17.97 2.53
N TYR A 190 -6.23 -17.58 1.67
CA TYR A 190 -7.65 -17.76 1.92
C TYR A 190 -8.23 -18.43 0.68
N GLN A 191 -8.79 -19.62 0.84
CA GLN A 191 -9.41 -20.34 -0.27
C GLN A 191 -8.42 -20.49 -1.42
N GLY A 192 -7.17 -20.77 -1.07
CA GLY A 192 -6.12 -20.97 -2.04
C GLY A 192 -5.50 -19.70 -2.59
N HIS A 193 -6.02 -18.53 -2.23
CA HIS A 193 -5.50 -17.26 -2.76
C HIS A 193 -4.64 -16.57 -1.73
N LEU A 194 -3.39 -16.30 -2.08
CA LEU A 194 -2.50 -15.59 -1.18
C LEU A 194 -2.80 -14.09 -1.19
N SER A 195 -2.88 -13.51 0.01
CA SER A 195 -2.94 -12.05 0.15
C SER A 195 -1.49 -11.55 0.11
N VAL A 196 -1.06 -11.15 -1.07
CA VAL A 196 0.36 -10.98 -1.35
C VAL A 196 0.96 -9.83 -0.56
N ASP A 197 0.22 -8.72 -0.41
CA ASP A 197 0.79 -7.52 0.19
C ASP A 197 1.30 -7.79 1.59
N THR A 198 0.49 -8.47 2.40
CA THR A 198 0.86 -8.74 3.79
C THR A 198 2.00 -9.76 3.85
N GLU A 199 1.94 -10.77 3.01
CA GLU A 199 3.00 -11.76 2.95
C GLU A 199 4.33 -11.12 2.58
N ALA A 200 4.30 -10.24 1.58
CA ALA A 200 5.51 -9.56 1.14
C ALA A 200 6.06 -8.65 2.22
N MET A 201 5.19 -7.85 2.86
CA MET A 201 5.62 -6.99 3.95
C MET A 201 6.28 -7.78 5.06
N ALA A 202 5.71 -8.94 5.41
CA ALA A 202 6.33 -9.77 6.44
C ALA A 202 7.74 -10.20 6.00
N GLY A 203 7.88 -10.59 4.73
CA GLY A 203 9.19 -10.94 4.21
C GLY A 203 10.19 -9.79 4.27
N LEU A 204 9.73 -8.56 4.00
CA LEU A 204 10.63 -7.42 4.10
C LEU A 204 11.12 -7.24 5.53
N ALA A 205 10.20 -7.32 6.50
CA ALA A 205 10.60 -7.24 7.90
C ALA A 205 11.60 -8.32 8.25
N PHE A 206 11.31 -9.57 7.87
CA PHE A 206 12.22 -10.66 8.19
C PHE A 206 13.58 -10.45 7.57
N THR A 207 13.62 -9.93 6.34
CA THR A 207 14.89 -9.68 5.66
C THR A 207 15.72 -8.69 6.44
N CYS A 208 15.10 -7.62 6.96
CA CYS A 208 15.84 -6.66 7.76
C CYS A 208 16.38 -7.31 9.03
N LEU A 209 15.55 -8.10 9.72
CA LEU A 209 16.01 -8.76 10.93
C LEU A 209 17.22 -9.65 10.62
N GLU A 210 17.16 -10.39 9.51
CA GLU A 210 18.25 -11.28 9.15
C GLU A 210 19.54 -10.51 8.94
N ARG A 211 19.48 -9.34 8.29
CA ARG A 211 20.69 -8.60 7.99
C ARG A 211 21.34 -8.05 9.24
N PHE A 212 20.57 -7.76 10.27
CA PHE A 212 21.13 -7.31 11.54
C PHE A 212 21.40 -8.45 12.50
N ASN A 213 21.03 -9.68 12.14
CA ASN A 213 21.05 -10.79 13.09
C ASN A 213 20.26 -10.46 14.35
N PHE A 214 19.18 -9.72 14.19
CA PHE A 214 18.28 -9.49 15.31
C PHE A 214 17.49 -10.76 15.59
N ASN A 215 17.02 -10.89 16.84
CA ASN A 215 16.16 -12.02 17.22
C ASN A 215 16.84 -13.36 16.91
N SER A 216 18.11 -13.46 17.30
CA SER A 216 18.94 -14.56 16.84
C SER A 216 18.41 -15.92 17.33
N ASP A 217 17.71 -15.97 18.46
CA ASP A 217 17.15 -17.25 18.87
C ASP A 217 16.11 -17.75 17.86
N LEU A 218 15.54 -16.86 17.07
CA LEU A 218 14.56 -17.19 16.04
C LEU A 218 15.18 -17.31 14.65
N ARG A 219 16.51 -17.26 14.54
CA ARG A 219 17.11 -17.14 13.22
C ARG A 219 16.71 -18.24 12.24
N PRO A 220 16.73 -19.53 12.58
CA PRO A 220 16.35 -20.54 11.56
C PRO A 220 14.92 -20.35 11.07
N ARG A 221 14.01 -19.92 11.94
CA ARG A 221 12.67 -19.58 11.50
C ARG A 221 12.66 -18.38 10.57
N ILE A 222 13.43 -17.35 10.92
CA ILE A 222 13.48 -16.15 10.10
C ILE A 222 13.96 -16.47 8.69
N THR A 223 15.07 -17.22 8.59
CA THR A 223 15.63 -17.49 7.27
C THR A 223 14.71 -18.41 6.46
N THR A 224 14.11 -19.41 7.09
CA THR A 224 13.13 -20.20 6.35
C THR A 224 11.94 -19.36 5.93
N ALA A 225 11.47 -18.46 6.80
CA ALA A 225 10.28 -17.67 6.47
C ALA A 225 10.53 -16.77 5.27
N ILE A 226 11.75 -16.26 5.14
CA ILE A 226 12.12 -15.48 3.95
C ILE A 226 11.92 -16.34 2.70
N GLU A 227 12.42 -17.58 2.74
CA GLU A 227 12.23 -18.50 1.61
C GLU A 227 10.76 -18.81 1.40
N THR A 228 10.02 -19.05 2.47
CA THR A 228 8.58 -19.33 2.34
C THR A 228 7.86 -18.18 1.65
N VAL A 229 8.13 -16.95 2.09
CA VAL A 229 7.48 -15.78 1.50
C VAL A 229 7.80 -15.71 0.00
N ARG A 230 9.09 -15.84 -0.34
N ARG A 230 9.08 -15.85 -0.34
CA ARG A 230 9.49 -15.76 -1.74
CA ARG A 230 9.49 -15.76 -1.74
C ARG A 230 8.80 -16.83 -2.58
C ARG A 230 8.80 -16.83 -2.57
N GLU A 231 8.77 -18.06 -2.06
CA GLU A 231 8.14 -19.16 -2.78
C GLU A 231 6.64 -18.94 -2.94
N LYS A 232 5.97 -18.46 -1.89
CA LYS A 232 4.53 -18.22 -1.97
C LYS A 232 4.22 -17.09 -2.94
N ILE A 233 5.04 -16.04 -2.94
CA ILE A 233 4.86 -14.96 -3.91
C ILE A 233 4.98 -15.51 -5.33
N LEU A 234 6.02 -16.29 -5.60
CA LEU A 234 6.19 -16.84 -6.93
C LEU A 234 4.99 -17.69 -7.34
N LYS A 235 4.43 -18.45 -6.38
CA LYS A 235 3.28 -19.29 -6.71
C LYS A 235 2.02 -18.47 -6.94
N ALA A 236 1.95 -17.26 -6.38
CA ALA A 236 0.83 -16.38 -6.60
C ALA A 236 0.93 -15.62 -7.92
N GLN A 237 1.95 -15.89 -8.74
CA GLN A 237 2.07 -15.17 -10.00
C GLN A 237 1.04 -15.67 -10.99
N ALA A 238 0.22 -14.77 -11.49
CA ALA A 238 -0.79 -15.08 -12.48
C ALA A 238 -0.15 -15.25 -13.86
N PRO A 239 -0.82 -15.93 -14.78
CA PRO A 239 -0.30 -16.03 -16.15
C PRO A 239 0.08 -14.68 -16.73
N GLU A 240 -0.68 -13.64 -16.41
CA GLU A 240 -0.46 -12.29 -16.92
C GLU A 240 0.83 -11.67 -16.38
N GLY A 241 1.33 -12.15 -15.25
CA GLY A 241 2.61 -11.70 -14.72
C GLY A 241 2.55 -11.00 -13.39
N TYR A 242 1.39 -10.50 -12.98
CA TYR A 242 1.29 -9.86 -11.66
C TYR A 242 1.28 -10.92 -10.57
N PHE A 243 1.59 -10.49 -9.35
CA PHE A 243 1.61 -11.36 -8.18
C PHE A 243 0.37 -11.04 -7.35
N GLY A 244 -0.61 -11.92 -7.38
CA GLY A 244 -1.85 -11.68 -6.67
C GLY A 244 -2.78 -10.75 -7.44
N ASN A 245 -2.46 -9.47 -7.44
CA ASN A 245 -3.10 -8.51 -8.34
C ASN A 245 -2.08 -7.44 -8.66
N ILE A 246 -2.42 -6.56 -9.59
CA ILE A 246 -1.45 -5.59 -10.07
C ILE A 246 -1.00 -4.66 -8.94
N TYR A 247 -1.88 -4.39 -7.95
CA TYR A 247 -1.53 -3.48 -6.87
C TYR A 247 -0.74 -4.14 -5.74
N SER A 248 -0.75 -5.47 -5.66
CA SER A 248 0.14 -6.18 -4.75
C SER A 248 1.53 -6.35 -5.34
N THR A 249 1.65 -6.17 -6.66
CA THR A 249 2.88 -6.45 -7.38
C THR A 249 4.04 -5.57 -6.95
N PRO A 250 3.86 -4.29 -6.65
CA PRO A 250 5.01 -3.52 -6.14
C PRO A 250 5.64 -4.10 -4.88
N LEU A 251 4.86 -4.44 -3.86
CA LEU A 251 5.47 -5.00 -2.66
C LEU A 251 6.05 -6.38 -2.93
N ALA A 252 5.37 -7.19 -3.74
CA ALA A 252 5.94 -8.48 -4.14
C ALA A 252 7.31 -8.29 -4.78
N LEU A 253 7.43 -7.34 -5.70
CA LEU A 253 8.70 -7.08 -6.36
C LEU A 253 9.73 -6.59 -5.36
N GLN A 254 9.35 -5.78 -4.37
CA GLN A 254 10.33 -5.40 -3.36
C GLN A 254 10.93 -6.64 -2.72
N MET A 255 10.08 -7.58 -2.33
CA MET A 255 10.59 -8.78 -1.68
C MET A 255 11.51 -9.55 -2.62
N LEU A 256 11.12 -9.69 -3.89
CA LEU A 256 11.97 -10.42 -4.82
C LEU A 256 13.28 -9.70 -5.08
N MET A 257 13.28 -8.38 -5.08
CA MET A 257 14.50 -7.61 -5.36
C MET A 257 15.47 -7.61 -4.19
N THR A 258 15.04 -7.98 -2.99
CA THR A 258 15.98 -7.91 -1.87
C THR A 258 17.19 -8.81 -2.07
N SER A 259 17.01 -9.91 -2.80
CA SER A 259 18.10 -10.88 -2.99
C SER A 259 17.87 -11.66 -4.27
N PRO A 260 18.92 -12.05 -4.97
CA PRO A 260 18.76 -12.91 -6.16
C PRO A 260 18.29 -14.32 -5.78
N GLY A 261 17.74 -15.02 -6.76
CA GLY A 261 17.31 -16.39 -6.57
C GLY A 261 16.91 -17.05 -7.88
N VAL A 262 16.82 -18.38 -7.84
CA VAL A 262 16.46 -19.14 -9.04
C VAL A 262 15.10 -18.69 -9.55
N GLY A 263 15.04 -18.40 -10.85
CA GLY A 263 13.82 -18.04 -11.51
C GLY A 263 13.37 -16.61 -11.33
N LEU A 264 14.08 -15.79 -10.56
CA LEU A 264 13.59 -14.44 -10.32
C LEU A 264 13.69 -13.56 -11.55
N GLY A 265 14.75 -13.70 -12.34
CA GLY A 265 14.85 -12.94 -13.56
C GLY A 265 13.62 -13.15 -14.41
N PRO A 266 13.38 -14.41 -14.77
CA PRO A 266 12.19 -14.72 -15.58
C PRO A 266 10.88 -14.29 -14.94
N ALA A 267 10.69 -14.53 -13.65
CA ALA A 267 9.45 -14.12 -13.01
C ALA A 267 9.27 -12.61 -13.09
N CYS A 268 10.35 -11.85 -12.87
CA CYS A 268 10.23 -10.40 -12.85
C CYS A 268 10.05 -9.82 -14.24
N LEU A 269 10.55 -10.49 -15.28
CA LEU A 269 10.26 -10.04 -16.64
C LEU A 269 8.77 -10.19 -16.95
N LYS A 270 8.12 -11.24 -16.44
CA LYS A 270 6.68 -11.34 -16.64
C LYS A 270 5.96 -10.21 -15.94
N ALA A 271 6.42 -9.87 -14.73
CA ALA A 271 5.81 -8.77 -13.99
C ALA A 271 5.99 -7.44 -14.72
N ARG A 272 7.16 -7.25 -15.36
CA ARG A 272 7.39 -6.04 -16.15
C ARG A 272 6.30 -5.89 -17.20
N LYS A 273 6.01 -6.96 -17.94
CA LYS A 273 4.97 -6.91 -18.96
C LYS A 273 3.65 -6.48 -18.35
N SER A 274 3.27 -7.07 -17.21
N SER A 274 3.29 -7.05 -17.20
CA SER A 274 2.03 -6.72 -16.56
CA SER A 274 2.00 -6.70 -16.59
C SER A 274 2.00 -5.26 -16.16
C SER A 274 1.98 -5.26 -16.12
N LEU A 275 3.11 -4.76 -15.59
CA LEU A 275 3.15 -3.37 -15.18
C LEU A 275 3.02 -2.42 -16.37
N LEU A 276 3.70 -2.72 -17.46
CA LEU A 276 3.62 -1.86 -18.64
C LEU A 276 2.21 -1.80 -19.18
N LEU A 277 1.57 -2.96 -19.32
CA LEU A 277 0.19 -2.99 -19.80
C LEU A 277 -0.71 -2.20 -18.88
N SER A 278 -0.53 -2.36 -17.56
N SER A 278 -0.53 -2.38 -17.56
CA SER A 278 -1.38 -1.66 -16.62
CA SER A 278 -1.37 -1.66 -16.61
C SER A 278 -1.20 -0.15 -16.73
C SER A 278 -1.20 -0.16 -16.75
N LEU A 279 0.03 0.32 -16.88
CA LEU A 279 0.26 1.75 -17.04
C LEU A 279 -0.38 2.25 -18.33
N GLN A 280 -0.26 1.48 -19.41
CA GLN A 280 -0.90 1.85 -20.67
C GLN A 280 -2.40 1.94 -20.51
N ASP A 281 -2.98 1.10 -19.65
CA ASP A 281 -4.40 1.03 -19.45
C ASP A 281 -4.91 1.99 -18.38
N GLY A 282 -4.05 2.83 -17.83
CA GLY A 282 -4.49 3.83 -16.88
C GLY A 282 -4.42 3.45 -15.41
N ALA A 283 -3.79 2.35 -15.07
CA ALA A 283 -3.65 1.95 -13.68
C ALA A 283 -2.68 2.88 -12.95
N PHE A 284 -2.66 2.77 -11.62
CA PHE A 284 -1.73 3.52 -10.78
C PHE A 284 -2.02 5.02 -10.83
N GLN A 285 -3.27 5.34 -10.54
CA GLN A 285 -3.70 6.71 -10.26
C GLN A 285 -3.53 7.07 -8.79
N ASN A 286 -3.66 6.09 -7.93
CA ASN A 286 -3.70 6.31 -6.48
C ASN A 286 -2.32 6.68 -5.96
N PRO A 287 -2.18 7.78 -5.21
CA PRO A 287 -0.82 8.16 -4.73
C PRO A 287 -0.13 7.11 -3.86
N MET A 288 -0.83 6.47 -2.93
CA MET A 288 -0.18 5.41 -2.15
C MET A 288 0.37 4.32 -3.05
N MET A 289 -0.39 3.91 -4.06
CA MET A 289 0.09 2.87 -4.96
C MET A 289 1.27 3.35 -5.80
N ILE A 290 1.19 4.55 -6.35
CA ILE A 290 2.34 5.10 -7.06
C ILE A 290 3.57 5.07 -6.17
N SER A 291 3.40 5.41 -4.89
CA SER A 291 4.54 5.48 -3.97
C SER A 291 5.14 4.11 -3.68
N GLN A 292 4.37 3.03 -3.85
CA GLN A 292 4.90 1.68 -3.69
C GLN A 292 5.54 1.20 -4.98
N LEU A 293 5.05 1.65 -6.13
CA LEU A 293 5.60 1.23 -7.42
C LEU A 293 6.91 1.94 -7.75
N LEU A 294 7.02 3.23 -7.48
CA LEU A 294 8.20 3.97 -7.91
C LEU A 294 9.50 3.39 -7.43
N PRO A 295 9.64 2.96 -6.19
CA PRO A 295 10.94 2.39 -5.77
C PRO A 295 11.35 1.21 -6.63
N VAL A 296 10.42 0.27 -6.89
CA VAL A 296 10.80 -0.94 -7.60
C VAL A 296 11.12 -0.68 -9.06
N LEU A 297 10.46 0.31 -9.68
CA LEU A 297 10.86 0.67 -11.04
C LEU A 297 12.30 1.17 -11.06
N ASN A 298 12.78 1.74 -9.98
CA ASN A 298 14.15 2.18 -9.81
C ASN A 298 15.03 1.14 -9.14
N HIS A 299 14.56 -0.11 -9.07
CA HIS A 299 15.34 -1.20 -8.49
C HIS A 299 15.76 -0.94 -7.06
N LYS A 300 14.88 -0.27 -6.31
CA LYS A 300 15.09 -0.04 -4.89
C LYS A 300 13.89 -0.57 -4.10
N THR A 301 14.13 -0.83 -2.83
CA THR A 301 13.12 -1.35 -1.93
C THR A 301 13.26 -0.64 -0.58
N TYR A 302 12.35 -0.95 0.34
CA TYR A 302 12.47 -0.38 1.67
C TYR A 302 13.72 -0.87 2.38
N LEU A 303 14.31 -1.98 1.95
CA LEU A 303 15.56 -2.43 2.55
C LEU A 303 16.72 -1.51 2.21
N ASN A 304 16.62 -0.71 1.15
CA ASN A 304 17.61 0.31 0.87
C ASN A 304 17.64 1.39 1.94
N LEU A 305 16.61 1.45 2.79
CA LEU A 305 16.55 2.45 3.85
C LEU A 305 17.42 2.11 5.04
N ILE A 306 18.03 0.91 5.08
CA ILE A 306 19.03 0.65 6.11
C ILE A 306 20.22 1.58 5.92
N SER A 307 20.76 1.63 4.71
CA SER A 307 21.95 2.41 4.36
C SER A 307 21.73 3.11 3.03
N PRO A 308 20.87 4.12 2.99
CA PRO A 308 20.45 4.67 1.70
C PRO A 308 21.42 5.70 1.13
N ASP A 309 21.45 5.74 -0.21
CA ASP A 309 22.03 6.85 -0.93
C ASP A 309 21.10 8.05 -0.79
N CYS A 310 21.61 9.14 -0.24
CA CYS A 310 20.86 10.38 -0.15
C CYS A 310 21.38 11.43 -1.13
N GLN A 311 22.15 10.98 -2.12
CA GLN A 311 22.55 11.78 -3.27
C GLN A 311 22.24 11.01 -4.55
N ALA A 312 21.12 10.32 -4.55
CA ALA A 312 20.76 9.47 -5.67
C ALA A 312 20.47 10.28 -6.92
N PRO A 313 20.75 9.73 -8.11
CA PRO A 313 20.46 10.47 -9.34
C PRO A 313 18.96 10.43 -9.61
N ARG A 314 18.34 11.61 -9.70
CA ARG A 314 16.89 11.70 -9.88
C ARG A 314 16.55 12.91 -10.74
N VAL A 315 15.69 12.73 -11.73
CA VAL A 315 15.31 13.81 -12.63
C VAL A 315 14.12 14.60 -12.06
N MET A 316 14.20 15.92 -12.17
CA MET A 316 13.12 16.79 -11.71
C MET A 316 11.85 16.56 -12.52
N LEU A 317 10.73 16.47 -11.82
CA LEU A 317 9.43 16.40 -12.43
C LEU A 317 8.91 17.79 -12.74
N VAL A 318 8.16 17.91 -13.84
CA VAL A 318 7.46 19.15 -14.16
C VAL A 318 5.98 18.83 -14.28
N PRO A 319 5.12 19.83 -14.13
CA PRO A 319 3.68 19.55 -14.15
C PRO A 319 3.20 18.99 -15.48
N ALA A 320 2.26 18.07 -15.39
CA ALA A 320 1.52 17.60 -16.56
C ALA A 320 0.51 18.65 -17.00
N THR A 321 0.05 18.50 -18.23
CA THR A 321 -1.05 19.29 -18.75
C THR A 321 -2.34 18.48 -18.61
N GLU A 322 -3.41 19.14 -18.19
CA GLU A 322 -4.66 18.46 -17.89
C GLU A 322 -5.51 18.32 -19.15
N ASP A 323 -6.21 17.20 -19.26
CA ASP A 323 -6.89 16.83 -20.49
C ASP A 323 -8.17 17.64 -20.66
N PRO A 324 -8.74 17.64 -21.86
CA PRO A 324 -10.01 18.32 -22.09
C PRO A 324 -11.15 17.65 -21.34
N VAL A 325 -12.28 18.36 -21.26
CA VAL A 325 -13.43 17.86 -20.54
C VAL A 325 -14.00 16.64 -21.26
N HIS A 326 -14.34 15.61 -20.48
CA HIS A 326 -14.96 14.40 -21.01
C HIS A 326 -16.42 14.69 -21.32
N LEU A 327 -16.82 14.47 -22.57
CA LEU A 327 -18.16 14.82 -23.02
C LEU A 327 -19.12 13.63 -22.91
N SER A 328 -18.63 12.42 -23.21
CA SER A 328 -19.46 11.23 -23.18
C SER A 328 -19.95 10.97 -21.75
N GLU A 329 -20.93 10.09 -21.64
CA GLU A 329 -21.42 9.63 -20.34
C GLU A 329 -21.43 8.11 -20.27
N VAL A 330 -21.42 7.59 -19.04
CA VAL A 330 -21.61 6.17 -18.78
C VAL A 330 -22.78 5.99 -17.83
N SER A 331 -23.51 4.89 -18.01
CA SER A 331 -24.62 4.51 -17.16
C SER A 331 -24.16 3.41 -16.20
N VAL A 332 -24.39 3.62 -14.91
CA VAL A 332 -23.89 2.73 -13.87
C VAL A 332 -25.01 2.48 -12.88
N THR A 333 -25.22 1.21 -12.52
CA THR A 333 -26.19 0.85 -11.50
C THR A 333 -25.48 0.70 -10.16
N LEU A 334 -25.99 1.37 -9.14
CA LEU A 334 -25.47 1.29 -7.78
C LEU A 334 -26.44 0.48 -6.95
N LYS A 335 -25.92 -0.55 -6.28
CA LYS A 335 -26.75 -1.43 -5.47
C LYS A 335 -26.20 -1.51 -4.06
N VAL A 336 -27.09 -1.51 -3.08
CA VAL A 336 -26.75 -1.75 -1.68
C VAL A 336 -27.80 -2.71 -1.14
N SER A 337 -27.39 -3.94 -0.82
CA SER A 337 -28.34 -4.92 -0.28
C SER A 337 -28.19 -5.14 1.23
N SER A 338 -27.13 -4.61 1.88
CA SER A 338 -26.91 -4.79 3.33
C SER A 338 -27.63 -3.76 4.19
N VAL A 339 -28.59 -3.05 3.65
CA VAL A 339 -29.41 -2.11 4.39
C VAL A 339 -30.84 -2.52 4.11
N LEU A 340 -31.73 -2.15 5.02
CA LEU A 340 -33.15 -2.45 4.86
C LEU A 340 -33.89 -1.12 4.84
N PRO A 341 -34.65 -0.82 3.79
CA PRO A 341 -34.81 -1.63 2.56
C PRO A 341 -33.60 -1.52 1.66
N PRO A 342 -33.31 -2.54 0.85
CA PRO A 342 -32.22 -2.44 -0.11
C PRO A 342 -32.42 -1.29 -1.09
N TYR A 343 -31.32 -0.93 -1.74
CA TYR A 343 -31.26 0.21 -2.64
C TYR A 343 -30.70 -0.24 -3.99
N GLU A 344 -31.28 0.28 -5.06
CA GLU A 344 -30.75 0.05 -6.41
C GLU A 344 -31.17 1.22 -7.28
N ARG A 345 -30.21 1.87 -7.93
CA ARG A 345 -30.53 2.97 -8.83
C ARG A 345 -29.47 3.04 -9.93
N THR A 346 -29.93 3.19 -11.16
CA THR A 346 -29.04 3.42 -12.30
C THR A 346 -28.93 4.92 -12.55
N VAL A 347 -27.70 5.41 -12.62
CA VAL A 347 -27.42 6.83 -12.83
C VAL A 347 -26.46 6.98 -13.99
N SER A 348 -26.39 8.20 -14.52
CA SER A 348 -25.42 8.56 -15.54
C SER A 348 -24.45 9.58 -14.97
N VAL A 349 -23.16 9.38 -15.26
CA VAL A 349 -22.10 10.34 -14.95
C VAL A 349 -21.21 10.46 -16.19
N PHE A 350 -20.31 11.44 -16.17
CA PHE A 350 -19.40 11.60 -17.30
C PHE A 350 -18.48 10.38 -17.42
N ALA A 351 -18.17 10.02 -18.66
CA ALA A 351 -17.24 8.91 -18.88
C ALA A 351 -15.89 9.26 -18.29
N GLY A 352 -15.37 8.39 -17.42
CA GLY A 352 -14.18 8.68 -16.68
C GLY A 352 -14.42 9.20 -15.28
N ALA A 353 -15.67 9.44 -14.90
CA ALA A 353 -16.00 9.77 -13.53
C ALA A 353 -15.69 8.59 -12.62
N SER A 354 -15.52 8.89 -11.34
CA SER A 354 -15.19 7.86 -10.37
C SER A 354 -16.45 7.26 -9.74
N LEU A 355 -16.22 6.18 -9.01
CA LEU A 355 -17.29 5.62 -8.19
C LEU A 355 -17.78 6.62 -7.17
N GLU A 356 -16.89 7.41 -6.58
CA GLU A 356 -17.31 8.49 -5.70
C GLU A 356 -18.26 9.45 -6.40
N ASP A 357 -17.98 9.77 -7.66
CA ASP A 357 -18.89 10.62 -8.44
C ASP A 357 -20.25 9.94 -8.62
N VAL A 358 -20.26 8.62 -8.84
CA VAL A 358 -21.51 7.88 -8.93
C VAL A 358 -22.29 7.99 -7.62
N LEU A 359 -21.60 7.82 -6.50
CA LEU A 359 -22.28 7.95 -5.20
C LEU A 359 -22.86 9.34 -5.04
N ASN A 360 -22.11 10.36 -5.46
CA ASN A 360 -22.59 11.73 -5.35
C ASN A 360 -23.81 11.96 -6.22
N ARG A 361 -23.84 11.38 -7.42
CA ARG A 361 -24.99 11.52 -8.29
C ARG A 361 -26.22 10.84 -7.69
N ALA A 362 -26.04 9.64 -7.13
CA ALA A 362 -27.14 8.96 -6.46
C ALA A 362 -27.65 9.80 -5.30
N ARG A 363 -26.73 10.38 -4.52
CA ARG A 363 -27.14 11.23 -3.41
C ARG A 363 -27.88 12.46 -3.91
N ASP A 364 -27.44 13.05 -5.02
CA ASP A 364 -28.12 14.21 -5.57
C ASP A 364 -29.54 13.88 -5.98
N LEU A 365 -29.80 12.64 -6.40
CA LEU A 365 -31.12 12.22 -6.86
C LEU A 365 -32.05 11.82 -5.72
N GLY A 366 -31.55 11.78 -4.50
CA GLY A 366 -32.35 11.84 -3.29
C GLY A 366 -32.42 10.51 -2.55
N GLU A 367 -32.57 10.59 -1.23
CA GLU A 367 -32.77 9.41 -0.39
C GLU A 367 -31.66 8.38 -0.60
N PHE A 368 -30.43 8.85 -0.71
CA PHE A 368 -29.23 8.03 -0.67
C PHE A 368 -28.17 8.86 0.06
N THR A 369 -27.43 8.24 0.98
CA THR A 369 -26.41 8.93 1.75
C THR A 369 -25.20 8.02 1.85
N TYR A 370 -24.03 8.62 2.07
CA TYR A 370 -22.85 7.83 2.40
C TYR A 370 -21.87 8.71 3.16
N GLY A 371 -20.93 8.06 3.82
CA GLY A 371 -19.92 8.77 4.59
C GLY A 371 -18.57 8.11 4.41
N THR A 372 -17.52 8.93 4.57
CA THR A 372 -16.15 8.46 4.41
C THR A 372 -15.28 8.95 5.57
N GLN A 373 -14.08 8.39 5.63
CA GLN A 373 -13.02 8.90 6.49
C GLN A 373 -11.74 8.96 5.69
N ALA A 374 -10.88 9.89 6.05
CA ALA A 374 -9.60 10.03 5.38
C ALA A 374 -8.70 8.84 5.70
N SER A 375 -7.88 8.47 4.72
CA SER A 375 -6.83 7.48 4.94
C SER A 375 -5.65 7.87 4.06
N LEU A 376 -4.52 7.21 4.27
CA LEU A 376 -3.36 7.49 3.43
C LEU A 376 -3.55 6.98 2.01
N SER A 377 -4.56 6.15 1.76
CA SER A 377 -4.95 5.75 0.41
C SER A 377 -6.06 6.61 -0.18
N GLY A 378 -6.53 7.61 0.54
CA GLY A 378 -7.62 8.45 0.10
C GLY A 378 -8.91 8.10 0.82
N PRO A 379 -10.04 8.57 0.28
CA PRO A 379 -11.32 8.42 0.99
C PRO A 379 -11.71 6.96 1.15
N TYR A 380 -11.93 6.57 2.40
CA TYR A 380 -12.32 5.21 2.79
C TYR A 380 -13.81 5.24 3.14
N LEU A 381 -14.58 4.41 2.46
CA LEU A 381 -16.03 4.39 2.66
C LEU A 381 -16.36 3.71 3.98
N THR A 382 -17.08 4.42 4.84
CA THR A 382 -17.40 3.93 6.17
C THR A 382 -18.88 3.84 6.50
N SER A 383 -19.75 4.57 5.81
N SER A 383 -19.75 4.52 5.74
CA SER A 383 -21.18 4.42 6.04
CA SER A 383 -21.17 4.51 6.03
C SER A 383 -21.92 4.54 4.72
C SER A 383 -21.94 4.59 4.72
N VAL A 384 -23.04 3.84 4.64
CA VAL A 384 -23.91 3.87 3.47
C VAL A 384 -25.33 3.84 3.99
N LEU A 385 -26.16 4.78 3.56
CA LEU A 385 -27.57 4.80 3.92
C LEU A 385 -27.75 4.75 5.44
N GLY A 386 -26.87 5.46 6.14
CA GLY A 386 -26.95 5.59 7.58
C GLY A 386 -26.38 4.42 8.36
N LYS A 387 -25.82 3.42 7.70
CA LYS A 387 -25.27 2.25 8.37
C LYS A 387 -23.74 2.38 8.37
N GLU A 388 -23.18 2.63 9.55
CA GLU A 388 -21.75 2.73 9.74
C GLU A 388 -21.16 1.35 9.97
N ALA A 389 -20.02 1.09 9.34
CA ALA A 389 -19.30 -0.14 9.61
C ALA A 389 -18.87 -0.18 11.06
N GLY A 390 -19.16 -1.29 11.74
CA GLY A 390 -18.75 -1.48 13.10
C GLY A 390 -17.37 -2.10 13.21
N ASP A 391 -17.05 -2.53 14.42
CA ASP A 391 -15.79 -3.23 14.67
C ASP A 391 -15.71 -4.45 13.77
N ARG A 392 -14.56 -4.62 13.12
CA ARG A 392 -14.27 -5.81 12.33
C ARG A 392 -15.25 -5.98 11.17
N GLU A 393 -15.81 -4.86 10.68
CA GLU A 393 -16.61 -4.85 9.47
C GLU A 393 -16.06 -3.81 8.52
N TYR A 394 -16.36 -3.97 7.23
CA TYR A 394 -16.11 -2.89 6.30
C TYR A 394 -17.06 -2.97 5.12
N TRP A 395 -17.20 -1.83 4.45
CA TRP A 395 -17.96 -1.74 3.22
C TRP A 395 -17.05 -2.18 2.07
N GLN A 396 -17.39 -3.30 1.46
CA GLN A 396 -16.67 -3.82 0.32
C GLN A 396 -17.31 -3.32 -0.97
N LEU A 397 -16.48 -3.00 -1.95
CA LEU A 397 -16.92 -2.52 -3.26
C LEU A 397 -16.79 -3.66 -4.25
N LEU A 398 -17.86 -3.99 -4.95
CA LEU A 398 -17.84 -5.10 -5.88
C LEU A 398 -18.46 -4.74 -7.22
N ARG A 399 -17.90 -5.32 -8.27
CA ARG A 399 -18.52 -5.37 -9.58
C ARG A 399 -19.41 -6.61 -9.62
N VAL A 400 -20.71 -6.40 -9.79
CA VAL A 400 -21.65 -7.52 -9.79
C VAL A 400 -21.37 -8.40 -11.01
N PRO A 401 -21.33 -9.73 -10.88
CA PRO A 401 -21.46 -10.53 -9.66
C PRO A 401 -20.10 -10.74 -8.99
N ASP A 402 -20.07 -10.33 -7.74
CA ASP A 402 -19.12 -10.79 -6.73
C ASP A 402 -17.64 -10.73 -7.16
N THR A 403 -17.25 -9.67 -7.88
CA THR A 403 -15.84 -9.41 -8.15
C THR A 403 -15.39 -8.16 -7.40
N PRO A 404 -14.61 -8.28 -6.32
CA PRO A 404 -14.17 -7.08 -5.60
C PRO A 404 -13.38 -6.14 -6.51
N LEU A 405 -13.64 -4.85 -6.36
CA LEU A 405 -12.87 -3.86 -7.09
C LEU A 405 -11.43 -3.81 -6.57
N LEU A 406 -10.52 -3.41 -7.47
CA LEU A 406 -9.11 -3.25 -7.17
C LEU A 406 -8.74 -1.81 -6.82
N GLN A 407 -9.71 -0.90 -6.78
CA GLN A 407 -9.48 0.49 -6.47
C GLN A 407 -10.62 0.96 -5.59
N GLY A 408 -10.36 2.02 -4.82
CA GLY A 408 -11.37 2.62 -3.97
C GLY A 408 -12.22 3.64 -4.70
N ILE A 409 -13.09 4.29 -3.94
CA ILE A 409 -14.15 5.09 -4.56
C ILE A 409 -13.58 6.24 -5.38
N ALA A 410 -12.47 6.86 -4.96
CA ALA A 410 -11.98 8.03 -5.68
C ALA A 410 -11.26 7.67 -6.96
N ASP A 411 -10.76 6.44 -7.08
CA ASP A 411 -9.91 6.04 -8.20
C ASP A 411 -10.59 5.09 -9.18
N TYR A 412 -11.55 4.30 -8.72
CA TYR A 412 -12.25 3.40 -9.62
C TYR A 412 -13.15 4.17 -10.58
N LYS A 413 -13.03 3.91 -11.88
CA LYS A 413 -13.83 4.58 -12.91
C LYS A 413 -14.77 3.57 -13.54
N PRO A 414 -16.05 3.57 -13.19
CA PRO A 414 -16.94 2.54 -13.71
C PRO A 414 -17.12 2.64 -15.22
N LYS A 415 -17.37 1.50 -15.84
CA LYS A 415 -17.64 1.41 -17.26
C LYS A 415 -19.15 1.34 -17.50
N ASN A 416 -19.54 1.75 -18.69
CA ASN A 416 -20.94 1.75 -19.06
C ASN A 416 -21.55 0.37 -18.88
N GLY A 417 -22.71 0.33 -18.24
CA GLY A 417 -23.43 -0.91 -18.03
C GLY A 417 -23.02 -1.70 -16.81
N GLU A 418 -22.00 -1.27 -16.08
CA GLU A 418 -21.60 -1.97 -14.87
C GLU A 418 -22.63 -1.77 -13.77
N THR A 419 -22.70 -2.75 -12.88
CA THR A 419 -23.43 -2.64 -11.62
C THR A 419 -22.41 -2.78 -10.50
N ILE A 420 -22.35 -1.78 -9.63
CA ILE A 420 -21.43 -1.74 -8.51
C ILE A 420 -22.24 -1.92 -7.24
N GLU A 421 -21.86 -2.90 -6.43
CA GLU A 421 -22.50 -3.19 -5.15
C GLU A 421 -21.61 -2.72 -4.01
N LEU A 422 -22.24 -2.13 -3.01
CA LEU A 422 -21.61 -1.81 -1.72
C LEU A 422 -22.18 -2.79 -0.72
N ARG A 423 -21.33 -3.56 -0.06
CA ARG A 423 -21.78 -4.63 0.81
C ARG A 423 -20.99 -4.61 2.11
N LEU A 424 -21.70 -4.63 3.23
CA LEU A 424 -21.06 -4.61 4.53
C LEU A 424 -20.66 -6.03 4.89
N VAL A 425 -19.36 -6.26 5.06
CA VAL A 425 -18.87 -7.60 5.30
C VAL A 425 -17.97 -7.62 6.52
N LYS A 426 -17.78 -8.82 7.04
CA LYS A 426 -16.89 -9.04 8.17
C LYS A 426 -15.44 -9.03 7.70
N MET A 427 -14.57 -8.42 8.49
CA MET A 427 -13.14 -8.49 8.23
C MET A 427 -12.70 -9.90 8.56
#